data_5H3B
#
_entry.id   5H3B
#
_cell.length_a   44.154
_cell.length_b   69.471
_cell.length_c   72.034
_cell.angle_alpha   90.000
_cell.angle_beta   93.150
_cell.angle_gamma   90.000
#
_symmetry.space_group_name_H-M   'P 1 21 1'
#
loop_
_entity.id
_entity.type
_entity.pdbx_description
1 polymer 'Uncharacterized protein HI_1552'
2 non-polymer GLYCEROL
3 non-polymer 'ISOPROPYL ALCOHOL'
4 water water
#
_entity_poly.entity_id   1
_entity_poly.type   'polypeptide(L)'
_entity_poly.pdbx_seq_one_letter_code
;(MSE)KTKFYDYQGEHLILYFAGWGTPPDAVNHLILPENHDLLICYDYQDLNLDFDLSAYRHIRLVAWS(MSE)GVWVAE
RVLQGIRLKSATAVNGTGLPCDDSFGIPYAIFKGTLENLTENTRLKFERRICGDKASFERYQLFPARPFDEIHQELTALF
A(MSE)IQQDKRIDLIHWANAWVSSRDKIFTPANQHQYWALRCAVQEIEGEHYVFSRFTHWSALWDHLEHHHHHH
;
_entity_poly.pdbx_strand_id   A,B
#
loop_
_chem_comp.id
_chem_comp.type
_chem_comp.name
_chem_comp.formula
GOL non-polymer GLYCEROL 'C3 H8 O3'
IPA non-polymer 'ISOPROPYL ALCOHOL' 'C3 H8 O'
#
# COMPACT_ATOMS: atom_id res chain seq x y z
N MSE A 1 -16.62 -0.79 11.62
CA MSE A 1 -16.33 0.65 11.73
C MSE A 1 -16.82 1.24 13.04
O MSE A 1 -17.54 0.60 13.82
CB MSE A 1 -16.92 1.43 10.56
CG MSE A 1 -18.43 1.46 10.47
SE MSE A 1 -19.01 2.28 8.77
CE MSE A 1 -18.69 0.75 7.74
N LYS A 2 -16.40 2.48 13.28
CA LYS A 2 -16.80 3.20 14.48
CA LYS A 2 -16.79 3.21 14.48
C LYS A 2 -17.98 4.11 14.19
N THR A 3 -18.74 4.43 15.23
CA THR A 3 -19.86 5.35 15.09
C THR A 3 -19.95 6.30 16.27
N LYS A 4 -20.58 7.43 16.01
CA LYS A 4 -21.00 8.35 17.05
C LYS A 4 -22.46 8.64 16.83
N PHE A 5 -23.27 8.31 17.83
CA PHE A 5 -24.71 8.44 17.70
C PHE A 5 -25.25 9.59 18.56
N TYR A 6 -26.10 10.42 17.95
CA TYR A 6 -26.73 11.54 18.63
C TYR A 6 -28.25 11.37 18.66
N ASP A 7 -28.76 11.08 19.84
CA ASP A 7 -30.18 10.90 20.07
C ASP A 7 -30.84 12.25 20.30
N TYR A 8 -31.50 12.78 19.28
CA TYR A 8 -32.29 14.02 19.40
C TYR A 8 -33.78 13.68 19.29
N GLN A 9 -34.09 12.44 19.58
CA GLN A 9 -35.49 11.97 19.63
C GLN A 9 -36.16 12.11 18.27
N GLY A 10 -35.38 11.95 17.20
CA GLY A 10 -35.89 12.19 15.87
C GLY A 10 -36.55 10.99 15.22
N GLU A 11 -37.57 11.28 14.43
CA GLU A 11 -38.19 10.28 13.57
C GLU A 11 -37.30 9.89 12.41
N HIS A 12 -36.38 10.78 12.06
CA HIS A 12 -35.55 10.64 10.87
C HIS A 12 -34.10 10.60 11.27
N LEU A 13 -33.25 10.16 10.34
CA LEU A 13 -31.83 9.99 10.61
C LEU A 13 -30.99 10.63 9.54
N ILE A 14 -29.98 11.40 9.97
CA ILE A 14 -28.91 11.81 9.06
C ILE A 14 -27.74 10.88 9.29
N LEU A 15 -27.29 10.26 8.20
CA LEU A 15 -26.18 9.31 8.21
CA LEU A 15 -26.19 9.32 8.25
C LEU A 15 -25.02 9.97 7.56
N TYR A 16 -23.95 10.21 8.30
CA TYR A 16 -22.76 10.86 7.74
C TYR A 16 -21.61 9.88 7.68
N PHE A 17 -21.08 9.68 6.47
CA PHE A 17 -19.89 8.85 6.25
C PHE A 17 -18.69 9.74 6.04
N ALA A 18 -17.79 9.72 7.01
CA ALA A 18 -16.58 10.55 7.00
C ALA A 18 -15.57 10.12 5.95
N GLY A 19 -14.61 10.99 5.68
CA GLY A 19 -13.47 10.64 4.85
C GLY A 19 -12.50 9.78 5.63
N TRP A 20 -11.57 9.17 4.91
CA TRP A 20 -10.49 8.38 5.50
C TRP A 20 -9.70 9.23 6.49
N GLY A 21 -9.53 8.71 7.70
CA GLY A 21 -8.66 9.31 8.71
C GLY A 21 -9.12 10.63 9.30
N THR A 22 -10.34 11.06 8.95
CA THR A 22 -10.77 12.41 9.29
C THR A 22 -11.42 12.45 10.68
N PRO A 23 -11.36 13.61 11.33
CA PRO A 23 -12.01 13.69 12.66
C PRO A 23 -13.53 13.83 12.54
N PRO A 24 -14.28 13.05 13.34
CA PRO A 24 -15.73 13.21 13.32
C PRO A 24 -16.14 14.64 13.65
N ASP A 25 -15.33 15.31 14.48
CA ASP A 25 -15.66 16.67 14.90
C ASP A 25 -15.73 17.65 13.73
N ALA A 26 -15.25 17.25 12.56
CA ALA A 26 -15.25 18.13 11.42
C ALA A 26 -16.65 18.52 10.96
N VAL A 27 -17.68 17.83 11.46
CA VAL A 27 -19.05 18.22 11.16
C VAL A 27 -19.87 18.69 12.39
N ASN A 28 -19.24 18.86 13.55
CA ASN A 28 -20.00 19.30 14.74
C ASN A 28 -20.71 20.65 14.56
N HIS A 29 -20.16 21.50 13.72
CA HIS A 29 -20.67 22.86 13.54
C HIS A 29 -21.93 22.91 12.69
N LEU A 30 -22.32 21.80 12.08
CA LEU A 30 -23.51 21.81 11.24
C LEU A 30 -24.78 21.68 12.06
N ILE A 31 -25.73 22.59 11.84
CA ILE A 31 -27.02 22.55 12.53
C ILE A 31 -27.90 21.48 11.91
N LEU A 32 -28.50 20.64 12.76
CA LEU A 32 -29.43 19.59 12.32
C LEU A 32 -30.83 20.15 12.13
N PRO A 33 -31.57 19.61 11.14
CA PRO A 33 -33.00 19.91 11.08
C PRO A 33 -33.71 19.30 12.27
N GLU A 34 -34.82 19.90 12.68
CA GLU A 34 -35.62 19.32 13.75
C GLU A 34 -36.05 17.89 13.40
N ASN A 35 -36.22 17.06 14.44
CA ASN A 35 -36.77 15.71 14.27
C ASN A 35 -35.82 14.76 13.54
N HIS A 36 -34.52 15.03 13.64
CA HIS A 36 -33.48 14.18 13.09
C HIS A 36 -32.41 13.80 14.10
N ASP A 37 -32.10 12.51 14.17
CA ASP A 37 -30.91 12.02 14.86
C ASP A 37 -29.74 12.11 13.91
N LEU A 38 -28.53 11.93 14.45
CA LEU A 38 -27.32 11.91 13.63
C LEU A 38 -26.50 10.70 13.98
N LEU A 39 -26.00 10.01 12.95
CA LEU A 39 -25.04 8.91 13.14
C LEU A 39 -23.82 9.21 12.28
N ILE A 40 -22.69 9.44 12.93
CA ILE A 40 -21.41 9.63 12.25
C ILE A 40 -20.73 8.28 12.10
N CYS A 41 -20.36 7.92 10.87
CA CYS A 41 -19.70 6.66 10.60
C CYS A 41 -18.27 6.92 10.12
N TYR A 42 -17.30 6.19 10.67
CA TYR A 42 -15.89 6.45 10.34
C TYR A 42 -15.03 5.29 10.77
N ASP A 43 -13.72 5.39 10.54
CA ASP A 43 -12.75 4.36 10.86
C ASP A 43 -13.08 3.05 10.16
N TYR A 44 -12.91 3.07 8.84
CA TYR A 44 -13.29 1.95 8.00
C TYR A 44 -12.26 0.81 7.97
N GLN A 45 -11.92 0.27 9.14
CA GLN A 45 -11.07 -0.93 9.23
C GLN A 45 -11.80 -2.10 8.62
N ASP A 46 -13.12 -2.00 8.62
CA ASP A 46 -14.01 -2.99 8.01
C ASP A 46 -15.30 -2.27 7.63
N LEU A 47 -16.24 -3.01 7.04
CA LEU A 47 -17.48 -2.40 6.59
C LEU A 47 -18.67 -2.76 7.48
N ASN A 48 -18.40 -3.18 8.72
CA ASN A 48 -19.46 -3.55 9.64
CA ASN A 48 -19.47 -3.55 9.63
C ASN A 48 -20.09 -2.33 10.32
N LEU A 49 -21.39 -2.16 10.12
CA LEU A 49 -22.10 -1.08 10.77
C LEU A 49 -23.05 -1.69 11.79
N ASP A 50 -22.69 -1.59 13.07
CA ASP A 50 -23.50 -2.16 14.13
C ASP A 50 -24.50 -1.13 14.62
N PHE A 51 -25.62 -1.03 13.91
CA PHE A 51 -26.64 -0.01 14.20
C PHE A 51 -27.95 -0.37 13.53
N ASP A 52 -29.06 -0.26 14.27
CA ASP A 52 -30.38 -0.58 13.76
C ASP A 52 -31.02 0.64 13.11
N LEU A 53 -31.13 0.59 11.78
CA LEU A 53 -31.71 1.68 11.02
C LEU A 53 -33.25 1.62 10.98
N SER A 54 -33.82 0.53 11.50
CA SER A 54 -35.21 0.20 11.17
C SER A 54 -36.24 1.16 11.77
N ALA A 55 -35.93 1.81 12.88
CA ALA A 55 -36.97 2.61 13.52
C ALA A 55 -37.23 3.90 12.74
N TYR A 56 -36.27 4.34 11.94
CA TYR A 56 -36.41 5.62 11.28
C TYR A 56 -37.34 5.62 10.08
N ARG A 57 -37.99 6.74 9.87
CA ARG A 57 -38.83 6.94 8.75
C ARG A 57 -37.91 7.29 7.56
N HIS A 58 -37.43 8.51 7.50
CA HIS A 58 -36.51 8.89 6.42
C HIS A 58 -35.07 8.82 6.89
N ILE A 59 -34.21 8.31 6.01
CA ILE A 59 -32.77 8.33 6.25
C ILE A 59 -32.13 9.14 5.14
N ARG A 60 -31.36 10.15 5.54
CA ARG A 60 -30.61 10.93 4.56
C ARG A 60 -29.12 10.72 4.75
N LEU A 61 -28.49 10.32 3.66
CA LEU A 61 -27.07 10.01 3.64
C LEU A 61 -26.28 11.19 3.12
N VAL A 62 -25.21 11.53 3.83
CA VAL A 62 -24.20 12.48 3.36
C VAL A 62 -22.86 11.77 3.49
N ALA A 63 -22.13 11.65 2.37
CA ALA A 63 -20.87 10.90 2.38
C ALA A 63 -19.80 11.79 1.79
N TRP A 64 -18.67 11.87 2.49
CA TRP A 64 -17.54 12.71 2.06
C TRP A 64 -16.40 11.83 1.60
N SER A 65 -15.85 12.13 0.42
CA SER A 65 -14.55 11.58 0.02
C SER A 65 -14.65 10.06 -0.10
N MSE A 66 -13.77 9.30 0.53
CA MSE A 66 -13.81 7.84 0.49
C MSE A 66 -15.03 7.28 1.13
O MSE A 66 -15.32 6.15 0.91
CB MSE A 66 -12.53 7.25 1.08
CG MSE A 66 -11.35 7.53 0.17
SE MSE A 66 -9.81 6.45 0.75
CE MSE A 66 -8.45 7.84 0.53
N GLY A 67 -15.71 8.08 1.93
CA GLY A 67 -16.98 7.67 2.51
C GLY A 67 -18.03 7.33 1.48
N VAL A 68 -17.92 7.89 0.28
CA VAL A 68 -18.88 7.60 -0.79
C VAL A 68 -18.78 6.12 -1.19
N TRP A 69 -17.57 5.64 -1.46
CA TRP A 69 -17.34 4.23 -1.80
C TRP A 69 -17.81 3.32 -0.65
N VAL A 70 -17.52 3.70 0.58
CA VAL A 70 -17.93 2.90 1.73
C VAL A 70 -19.45 2.82 1.85
N ALA A 71 -20.11 3.97 1.75
CA ALA A 71 -21.57 4.04 1.89
C ALA A 71 -22.27 3.18 0.85
N GLU A 72 -21.75 3.10 -0.37
CA GLU A 72 -22.35 2.27 -1.42
C GLU A 72 -22.44 0.81 -0.99
N ARG A 73 -21.43 0.34 -0.26
CA ARG A 73 -21.47 -1.03 0.22
C ARG A 73 -22.30 -1.21 1.49
N VAL A 74 -22.16 -0.29 2.42
CA VAL A 74 -22.88 -0.44 3.69
C VAL A 74 -24.38 -0.30 3.49
N LEU A 75 -24.79 0.57 2.57
CA LEU A 75 -26.21 0.87 2.44
C LEU A 75 -26.87 0.26 1.20
N GLN A 76 -26.17 -0.67 0.55
CA GLN A 76 -26.73 -1.38 -0.57
C GLN A 76 -27.98 -2.09 -0.09
N GLY A 77 -29.07 -1.96 -0.83
CA GLY A 77 -30.31 -2.57 -0.41
C GLY A 77 -31.09 -1.89 0.72
N ILE A 78 -30.73 -0.70 1.11
CA ILE A 78 -31.45 0.08 2.10
C ILE A 78 -32.07 1.24 1.38
N ARG A 79 -33.36 1.47 1.55
CA ARG A 79 -34.04 2.61 0.95
C ARG A 79 -33.65 3.91 1.67
N LEU A 80 -33.14 4.88 0.92
CA LEU A 80 -32.71 6.17 1.45
C LEU A 80 -33.62 7.28 0.92
N LYS A 81 -33.95 8.26 1.75
CA LYS A 81 -34.73 9.40 1.30
C LYS A 81 -33.91 10.22 0.31
N SER A 82 -32.63 10.40 0.63
CA SER A 82 -31.69 11.00 -0.30
C SER A 82 -30.29 10.57 0.06
N ALA A 83 -29.42 10.64 -0.94
CA ALA A 83 -28.00 10.33 -0.78
C ALA A 83 -27.20 11.43 -1.47
N THR A 84 -26.34 12.08 -0.70
CA THR A 84 -25.56 13.23 -1.18
C THR A 84 -24.08 12.92 -1.07
N ALA A 85 -23.36 13.03 -2.18
CA ALA A 85 -21.90 12.86 -2.21
C ALA A 85 -21.23 14.21 -2.08
N VAL A 86 -20.20 14.28 -1.25
CA VAL A 86 -19.45 15.52 -1.11
C VAL A 86 -18.00 15.19 -1.46
N ASN A 87 -17.52 15.72 -2.57
CA ASN A 87 -16.12 15.47 -3.00
C ASN A 87 -15.72 14.01 -2.90
N GLY A 88 -16.51 13.13 -3.51
CA GLY A 88 -16.19 11.72 -3.47
C GLY A 88 -16.96 11.02 -4.56
N THR A 89 -16.41 9.92 -5.06
CA THR A 89 -17.03 9.17 -6.15
C THR A 89 -17.06 7.67 -5.88
N GLY A 90 -17.72 6.93 -6.77
CA GLY A 90 -17.79 5.49 -6.61
C GLY A 90 -16.52 4.74 -7.02
N LEU A 91 -15.55 5.47 -7.56
CA LEU A 91 -14.26 4.88 -7.96
C LEU A 91 -13.14 5.72 -7.36
N PRO A 92 -12.86 5.50 -6.06
CA PRO A 92 -11.98 6.43 -5.34
C PRO A 92 -10.51 6.33 -5.73
N CYS A 93 -10.08 5.21 -6.29
CA CYS A 93 -8.68 5.08 -6.69
C CYS A 93 -8.69 4.93 -8.20
N ASP A 94 -8.65 6.05 -8.90
CA ASP A 94 -8.93 6.04 -10.32
C ASP A 94 -8.44 7.32 -11.00
N ASP A 95 -7.61 7.18 -12.02
CA ASP A 95 -7.03 8.36 -12.70
C ASP A 95 -8.08 9.22 -13.40
N SER A 96 -9.23 8.64 -13.73
CA SER A 96 -10.29 9.33 -14.46
C SER A 96 -11.44 9.77 -13.58
N PHE A 97 -11.70 9.02 -12.51
CA PHE A 97 -12.95 9.17 -11.79
C PHE A 97 -12.77 9.39 -10.30
N GLY A 98 -11.53 9.39 -9.81
CA GLY A 98 -11.34 9.48 -8.37
C GLY A 98 -10.02 10.15 -8.03
N ILE A 99 -9.40 9.68 -6.95
CA ILE A 99 -8.04 10.08 -6.60
C ILE A 99 -7.09 9.37 -7.55
N PRO A 100 -6.20 10.09 -8.23
CA PRO A 100 -5.32 9.35 -9.13
C PRO A 100 -4.51 8.29 -8.40
N TYR A 101 -4.31 7.17 -9.07
CA TYR A 101 -3.59 6.03 -8.52
C TYR A 101 -2.26 6.41 -7.90
N ALA A 102 -1.50 7.27 -8.59
CA ALA A 102 -0.20 7.66 -8.06
C ALA A 102 -0.30 8.35 -6.71
N ILE A 103 -1.35 9.13 -6.54
CA ILE A 103 -1.55 9.84 -5.29
C ILE A 103 -2.08 8.92 -4.21
N PHE A 104 -3.06 8.08 -4.55
CA PHE A 104 -3.61 7.16 -3.57
C PHE A 104 -2.53 6.20 -3.07
N LYS A 105 -1.86 5.53 -4.01
CA LYS A 105 -0.85 4.55 -3.63
C LYS A 105 0.35 5.22 -2.97
N GLY A 106 0.75 6.36 -3.50
CA GLY A 106 1.87 7.13 -2.96
C GLY A 106 1.64 7.54 -1.52
N THR A 107 0.41 7.91 -1.20
CA THR A 107 0.07 8.32 0.15
C THR A 107 0.31 7.16 1.13
N LEU A 108 -0.14 5.96 0.73
CA LEU A 108 0.03 4.81 1.60
C LEU A 108 1.51 4.39 1.69
N GLU A 109 2.23 4.41 0.57
CA GLU A 109 3.63 4.02 0.56
C GLU A 109 4.51 4.89 1.47
N ASN A 110 4.14 6.16 1.60
CA ASN A 110 4.96 7.12 2.33
C ASN A 110 4.41 7.59 3.68
N LEU A 111 3.36 6.93 4.18
CA LEU A 111 2.57 7.51 5.26
C LEU A 111 3.30 7.55 6.60
N THR A 112 3.54 8.76 7.08
CA THR A 112 4.13 9.01 8.39
C THR A 112 3.33 10.12 9.05
N GLU A 113 3.59 10.42 10.32
CA GLU A 113 2.85 11.53 10.93
C GLU A 113 3.13 12.82 10.16
N ASN A 114 4.37 12.99 9.69
CA ASN A 114 4.68 14.18 8.94
C ASN A 114 3.92 14.27 7.63
N THR A 115 3.88 13.16 6.86
CA THR A 115 3.18 13.25 5.59
C THR A 115 1.67 13.28 5.79
N ARG A 116 1.21 12.75 6.90
CA ARG A 116 -0.20 12.88 7.26
C ARG A 116 -0.60 14.35 7.38
N LEU A 117 0.25 15.15 8.04
CA LEU A 117 -0.05 16.57 8.18
C LEU A 117 0.01 17.26 6.84
N LYS A 118 0.98 16.90 6.01
CA LYS A 118 1.05 17.49 4.67
C LYS A 118 -0.18 17.11 3.85
N PHE A 119 -0.67 15.87 4.01
CA PHE A 119 -1.86 15.47 3.30
C PHE A 119 -3.08 16.27 3.79
N GLU A 120 -3.15 16.53 5.10
CA GLU A 120 -4.25 17.35 5.63
C GLU A 120 -4.15 18.79 5.12
N ARG A 121 -2.94 19.29 4.88
CA ARG A 121 -2.82 20.60 4.26
C ARG A 121 -3.37 20.58 2.83
N ARG A 122 -3.11 19.50 2.09
CA ARG A 122 -3.63 19.32 0.74
C ARG A 122 -5.16 19.21 0.76
N ILE A 123 -5.72 18.55 1.79
CA ILE A 123 -7.15 18.43 1.94
C ILE A 123 -7.81 19.78 2.23
N CYS A 124 -7.14 20.60 3.02
CA CYS A 124 -7.75 21.85 3.51
C CYS A 124 -7.48 23.07 2.63
N GLY A 125 -6.42 23.02 1.84
CA GLY A 125 -6.06 24.14 0.98
C GLY A 125 -5.09 25.11 1.65
N ASP A 126 -5.57 26.29 1.99
CA ASP A 126 -4.75 27.34 2.57
CA ASP A 126 -4.62 27.27 2.52
C ASP A 126 -4.31 27.03 4.00
N LYS A 127 -3.26 27.71 4.48
CA LYS A 127 -2.77 27.45 5.81
C LYS A 127 -3.81 27.75 6.89
N ALA A 128 -4.59 28.81 6.72
CA ALA A 128 -5.58 29.17 7.75
C ALA A 128 -6.65 28.09 7.88
N SER A 129 -7.13 27.54 6.76
CA SER A 129 -8.09 26.45 6.82
C SER A 129 -7.46 25.22 7.47
N PHE A 130 -6.21 24.94 7.10
CA PHE A 130 -5.50 23.82 7.67
C PHE A 130 -5.34 23.97 9.19
N GLU A 131 -4.96 25.16 9.63
CA GLU A 131 -4.74 25.35 11.05
C GLU A 131 -6.04 25.19 11.83
N ARG A 132 -7.15 25.65 11.24
CA ARG A 132 -8.45 25.50 11.92
C ARG A 132 -8.82 24.02 12.03
N TYR A 133 -8.53 23.27 10.98
CA TYR A 133 -8.84 21.85 10.97
C TYR A 133 -8.00 21.11 12.00
N GLN A 134 -6.78 21.59 12.24
CA GLN A 134 -5.92 20.98 13.24
C GLN A 134 -6.46 21.13 14.67
N LEU A 135 -7.45 22.01 14.88
CA LEU A 135 -8.03 22.14 16.20
C LEU A 135 -9.01 21.01 16.49
N PHE A 136 -9.52 20.33 15.45
CA PHE A 136 -10.33 19.13 15.70
C PHE A 136 -9.39 18.11 16.31
N PRO A 137 -9.88 17.31 17.26
CA PRO A 137 -9.08 16.23 17.85
C PRO A 137 -8.65 15.22 16.79
N ALA A 138 -7.35 15.02 16.63
CA ALA A 138 -6.86 14.14 15.57
C ALA A 138 -7.02 12.69 15.98
N ARG A 139 -7.37 11.85 15.02
CA ARG A 139 -7.40 10.42 15.31
C ARG A 139 -5.98 9.87 15.43
N PRO A 140 -5.81 8.77 16.17
CA PRO A 140 -4.46 8.21 16.37
C PRO A 140 -3.81 7.79 15.06
N PHE A 141 -2.51 8.04 14.94
CA PHE A 141 -1.82 7.72 13.69
C PHE A 141 -1.94 6.24 13.31
N ASP A 142 -1.70 5.34 14.27
CA ASP A 142 -1.73 3.91 13.94
C ASP A 142 -3.09 3.49 13.43
N GLU A 143 -4.15 4.04 14.00
CA GLU A 143 -5.51 3.80 13.54
C GLU A 143 -5.72 4.25 12.09
N ILE A 144 -5.34 5.49 11.76
CA ILE A 144 -5.60 5.95 10.41
C ILE A 144 -4.68 5.26 9.40
N HIS A 145 -3.52 4.79 9.86
CA HIS A 145 -2.62 4.06 8.96
C HIS A 145 -3.25 2.70 8.64
N GLN A 146 -3.75 2.00 9.66
CA GLN A 146 -4.42 0.71 9.46
C GLN A 146 -5.69 0.88 8.62
N GLU A 147 -6.38 1.99 8.82
CA GLU A 147 -7.57 2.29 8.03
C GLU A 147 -7.24 2.41 6.55
N LEU A 148 -6.14 3.10 6.22
CA LEU A 148 -5.81 3.27 4.81
C LEU A 148 -5.35 1.95 4.21
N THR A 149 -4.63 1.15 4.98
CA THR A 149 -4.26 -0.20 4.54
C THR A 149 -5.49 -1.03 4.20
N ALA A 150 -6.48 -0.98 5.09
CA ALA A 150 -7.71 -1.73 4.87
C ALA A 150 -8.49 -1.20 3.66
N LEU A 151 -8.62 0.12 3.57
CA LEU A 151 -9.34 0.72 2.45
C LEU A 151 -8.66 0.42 1.13
N PHE A 152 -7.33 0.51 1.12
CA PHE A 152 -6.58 0.28 -0.12
C PHE A 152 -6.84 -1.13 -0.64
N ALA A 153 -6.83 -2.11 0.26
CA ALA A 153 -7.04 -3.50 -0.15
C ALA A 153 -8.43 -3.70 -0.69
N MSE A 154 -9.41 -3.16 0.03
CA MSE A 154 -10.80 -3.35 -0.35
CA MSE A 154 -10.80 -3.31 -0.36
C MSE A 154 -11.12 -2.64 -1.67
O MSE A 154 -11.82 -3.20 -2.53
CB MSE A 154 -11.72 -2.86 0.76
CB MSE A 154 -11.71 -2.72 0.72
CG MSE A 154 -11.62 -3.68 2.05
CG MSE A 154 -11.74 -3.47 2.02
SE MSE A 154 -12.98 -3.27 3.41
SE MSE A 154 -13.20 -2.70 3.05
CE MSE A 154 -12.18 -1.62 4.10
CE MSE A 154 -13.36 -4.09 4.42
N ILE A 155 -10.62 -1.41 -1.83
CA ILE A 155 -10.88 -0.62 -3.04
C ILE A 155 -10.22 -1.25 -4.27
N GLN A 156 -9.03 -1.82 -4.10
CA GLN A 156 -8.36 -2.49 -5.23
C GLN A 156 -9.09 -3.75 -5.66
N GLN A 157 -9.79 -4.39 -4.71
CA GLN A 157 -10.39 -5.68 -4.99
C GLN A 157 -11.86 -5.58 -5.38
N ASP A 158 -12.45 -4.40 -5.23
CA ASP A 158 -13.88 -4.22 -5.43
C ASP A 158 -14.10 -2.89 -6.14
N LYS A 159 -14.22 -2.95 -7.46
CA LYS A 159 -14.38 -1.77 -8.29
C LYS A 159 -15.81 -1.67 -8.79
N ARG A 160 -16.73 -2.28 -8.06
CA ARG A 160 -18.14 -2.15 -8.42
C ARG A 160 -18.61 -0.70 -8.24
N ILE A 161 -19.65 -0.35 -8.99
CA ILE A 161 -20.22 0.98 -8.92
C ILE A 161 -21.73 0.90 -8.98
N ASP A 162 -22.37 2.02 -8.65
CA ASP A 162 -23.83 2.12 -8.68
C ASP A 162 -24.51 1.10 -7.78
N LEU A 163 -23.94 0.85 -6.61
CA LEU A 163 -24.56 -0.07 -5.66
C LEU A 163 -25.72 0.61 -4.95
N ILE A 164 -25.69 1.95 -4.91
CA ILE A 164 -26.85 2.74 -4.54
C ILE A 164 -26.94 3.87 -5.55
N HIS A 165 -28.07 4.58 -5.58
CA HIS A 165 -28.16 5.71 -6.48
C HIS A 165 -28.22 7.02 -5.69
N TRP A 166 -27.49 8.00 -6.21
CA TRP A 166 -27.24 9.24 -5.51
C TRP A 166 -28.18 10.32 -6.03
N ALA A 167 -28.62 11.21 -5.13
CA ALA A 167 -29.50 12.30 -5.49
C ALA A 167 -28.73 13.51 -6.00
N ASN A 168 -27.57 13.78 -5.40
CA ASN A 168 -26.78 14.94 -5.81
C ASN A 168 -25.38 14.82 -5.29
N ALA A 169 -24.48 15.60 -5.91
CA ALA A 169 -23.07 15.59 -5.55
C ALA A 169 -22.55 17.01 -5.52
N TRP A 170 -21.75 17.31 -4.50
CA TRP A 170 -21.03 18.58 -4.42
C TRP A 170 -19.62 18.40 -4.88
N VAL A 171 -19.11 19.34 -5.67
CA VAL A 171 -17.75 19.28 -6.22
C VAL A 171 -17.04 20.60 -5.89
N SER A 172 -15.99 20.54 -5.09
CA SER A 172 -15.16 21.71 -4.77
C SER A 172 -14.24 22.10 -5.91
N SER A 173 -14.19 23.40 -6.19
CA SER A 173 -13.46 23.91 -7.34
C SER A 173 -11.95 23.70 -7.27
N ARG A 174 -11.41 23.63 -6.06
CA ARG A 174 -9.97 23.52 -5.88
C ARG A 174 -9.59 22.21 -5.23
N ASP A 175 -10.45 21.21 -5.33
CA ASP A 175 -10.17 19.93 -4.66
C ASP A 175 -8.86 19.34 -5.20
N LYS A 176 -7.88 19.15 -4.30
CA LYS A 176 -6.57 18.62 -4.68
C LYS A 176 -6.47 17.11 -4.43
N ILE A 177 -7.60 16.49 -4.05
CA ILE A 177 -7.62 15.08 -3.69
C ILE A 177 -8.43 14.32 -4.74
N PHE A 178 -9.74 14.53 -4.76
CA PHE A 178 -10.56 14.09 -5.89
C PHE A 178 -10.63 15.26 -6.85
N THR A 179 -9.88 15.23 -7.95
CA THR A 179 -9.88 16.44 -8.76
C THR A 179 -11.26 16.73 -9.32
N PRO A 180 -11.56 18.02 -9.49
CA PRO A 180 -12.89 18.39 -9.93
C PRO A 180 -13.25 17.77 -11.29
N ALA A 181 -12.29 17.69 -12.20
CA ALA A 181 -12.56 17.08 -13.50
C ALA A 181 -13.00 15.64 -13.33
N ASN A 182 -12.34 14.92 -12.43
CA ASN A 182 -12.66 13.51 -12.23
C ASN A 182 -14.01 13.35 -11.57
N GLN A 183 -14.29 14.22 -10.61
CA GLN A 183 -15.62 14.18 -9.97
C GLN A 183 -16.72 14.43 -10.99
N HIS A 184 -16.53 15.45 -11.82
CA HIS A 184 -17.51 15.74 -12.87
C HIS A 184 -17.67 14.55 -13.83
N GLN A 185 -16.56 13.93 -14.21
CA GLN A 185 -16.61 12.78 -15.12
C GLN A 185 -17.44 11.64 -14.54
N TYR A 186 -17.30 11.41 -13.23
CA TYR A 186 -18.07 10.34 -12.60
C TYR A 186 -19.56 10.69 -12.47
N TRP A 187 -19.87 11.89 -11.99
CA TRP A 187 -21.26 12.17 -11.63
C TRP A 187 -22.12 12.68 -12.79
N ALA A 188 -21.50 13.08 -13.91
CA ALA A 188 -22.20 13.75 -15.01
C ALA A 188 -23.53 13.14 -15.40
N LEU A 189 -23.55 11.82 -15.61
CA LEU A 189 -24.76 11.16 -16.08
C LEU A 189 -25.48 10.42 -14.97
N ARG A 190 -25.04 10.64 -13.72
CA ARG A 190 -25.62 9.95 -12.58
C ARG A 190 -26.57 10.82 -11.75
N CYS A 191 -26.17 12.05 -11.44
CA CYS A 191 -26.98 12.87 -10.55
C CYS A 191 -26.72 14.35 -10.74
N ALA A 192 -27.55 15.19 -10.12
CA ALA A 192 -27.32 16.62 -10.13
C ALA A 192 -25.97 16.92 -9.48
N VAL A 193 -25.22 17.82 -10.09
CA VAL A 193 -23.93 18.23 -9.56
C VAL A 193 -23.96 19.70 -9.18
N GLN A 194 -23.52 20.00 -7.95
CA GLN A 194 -23.45 21.37 -7.49
C GLN A 194 -22.00 21.74 -7.28
N GLU A 195 -21.57 22.76 -8.01
CA GLU A 195 -20.21 23.27 -7.88
C GLU A 195 -20.14 24.23 -6.73
N ILE A 196 -19.05 24.16 -5.97
CA ILE A 196 -18.86 25.08 -4.87
C ILE A 196 -17.40 25.50 -4.82
N GLU A 197 -17.15 26.79 -4.56
CA GLU A 197 -15.78 27.26 -4.41
C GLU A 197 -15.20 26.77 -3.10
N GLY A 198 -14.14 25.98 -3.16
CA GLY A 198 -13.59 25.46 -1.94
C GLY A 198 -12.62 24.31 -2.18
N GLU A 199 -12.34 23.58 -1.11
CA GLU A 199 -11.27 22.58 -1.07
C GLU A 199 -11.86 21.22 -0.77
N HIS A 200 -11.01 20.20 -0.66
CA HIS A 200 -11.55 18.86 -0.42
C HIS A 200 -12.37 18.82 0.87
N TYR A 201 -11.89 19.45 1.94
CA TYR A 201 -12.73 19.71 3.12
C TYR A 201 -13.52 20.98 2.88
N VAL A 202 -14.84 20.86 2.73
CA VAL A 202 -15.65 21.99 2.36
C VAL A 202 -16.83 22.16 3.31
N PHE A 203 -16.91 21.35 4.36
CA PHE A 203 -18.05 21.44 5.27
C PHE A 203 -18.06 22.76 6.03
N SER A 204 -16.89 23.39 6.12
CA SER A 204 -16.71 24.70 6.73
C SER A 204 -17.49 25.79 5.98
N ARG A 205 -17.89 25.52 4.75
CA ARG A 205 -18.67 26.51 4.01
C ARG A 205 -20.17 26.40 4.31
N PHE A 206 -20.57 25.35 5.03
CA PHE A 206 -21.98 25.11 5.34
C PHE A 206 -22.25 25.38 6.80
N THR A 207 -23.49 25.77 7.11
CA THR A 207 -23.94 26.00 8.47
C THR A 207 -25.01 25.00 8.87
N HIS A 208 -25.75 24.49 7.88
CA HIS A 208 -26.87 23.57 8.12
C HIS A 208 -26.70 22.29 7.31
N TRP A 209 -26.93 21.14 7.95
CA TRP A 209 -26.96 19.86 7.25
C TRP A 209 -27.88 19.90 6.03
N SER A 210 -29.07 20.48 6.18
CA SER A 210 -30.09 20.36 5.15
C SER A 210 -29.70 21.07 3.86
N ALA A 211 -28.79 22.04 3.93
CA ALA A 211 -28.34 22.74 2.73
C ALA A 211 -27.65 21.78 1.79
N LEU A 212 -27.14 20.67 2.33
CA LEU A 212 -26.41 19.69 1.51
C LEU A 212 -27.32 18.91 0.57
N TRP A 213 -28.59 18.76 0.92
CA TRP A 213 -29.49 18.01 0.04
C TRP A 213 -30.67 18.81 -0.50
N ASP A 214 -30.91 20.00 0.04
CA ASP A 214 -32.12 20.75 -0.32
C ASP A 214 -31.87 21.76 -1.42
N MSE B 1 27.92 -7.75 5.81
CA MSE B 1 27.36 -8.91 5.13
CA MSE B 1 27.36 -8.93 5.16
C MSE B 1 28.46 -9.80 4.57
O MSE B 1 29.62 -9.40 4.49
CB MSE B 1 26.39 -8.48 4.02
CB MSE B 1 26.37 -8.53 4.07
CG MSE B 1 27.04 -7.66 2.91
CG MSE B 1 27.03 -8.05 2.78
SE MSE B 1 25.74 -6.78 1.73
SE MSE B 1 25.74 -7.29 1.54
CE MSE B 1 24.81 -5.70 3.05
CE MSE B 1 25.17 -5.77 2.63
N LYS B 2 28.10 -11.02 4.17
CA LYS B 2 29.05 -11.93 3.56
C LYS B 2 29.05 -11.77 2.03
N THR B 3 30.17 -12.12 1.40
CA THR B 3 30.22 -12.17 -0.06
C THR B 3 30.89 -13.44 -0.57
N LYS B 4 30.50 -13.85 -1.77
CA LYS B 4 31.19 -14.91 -2.47
C LYS B 4 31.57 -14.37 -3.84
N PHE B 5 32.86 -14.21 -4.06
CA PHE B 5 33.37 -13.55 -5.26
C PHE B 5 33.87 -14.55 -6.29
N TYR B 6 33.32 -14.46 -7.49
CA TYR B 6 33.78 -15.29 -8.60
C TYR B 6 34.53 -14.43 -9.61
N ASP B 7 35.83 -14.70 -9.71
CA ASP B 7 36.76 -13.87 -10.45
C ASP B 7 37.05 -14.45 -11.84
N TYR B 8 36.42 -13.90 -12.87
CA TYR B 8 36.78 -14.26 -14.23
C TYR B 8 37.58 -13.15 -14.91
N GLN B 9 38.25 -12.35 -14.07
CA GLN B 9 39.03 -11.21 -14.52
C GLN B 9 38.18 -10.33 -15.41
N GLY B 10 36.93 -10.14 -15.05
CA GLY B 10 36.00 -9.44 -15.91
C GLY B 10 36.09 -7.94 -15.78
N GLU B 11 35.71 -7.24 -16.84
CA GLU B 11 35.63 -5.78 -16.83
C GLU B 11 34.35 -5.32 -16.14
N HIS B 12 33.36 -6.20 -16.16
CA HIS B 12 32.03 -5.89 -15.67
C HIS B 12 31.65 -6.78 -14.49
N LEU B 13 30.67 -6.36 -13.71
CA LEU B 13 30.31 -7.12 -12.53
C LEU B 13 28.84 -7.40 -12.48
N ILE B 14 28.48 -8.68 -12.26
CA ILE B 14 27.11 -9.03 -11.87
C ILE B 14 27.08 -9.02 -10.35
N LEU B 15 26.20 -8.21 -9.80
CA LEU B 15 26.09 -8.05 -8.36
C LEU B 15 24.77 -8.65 -7.94
N TYR B 16 24.82 -9.81 -7.29
CA TYR B 16 23.59 -10.53 -6.91
C TYR B 16 23.33 -10.44 -5.42
N PHE B 17 22.16 -9.93 -5.06
CA PHE B 17 21.75 -9.86 -3.66
C PHE B 17 20.75 -10.97 -3.39
N ALA B 18 21.15 -11.90 -2.53
CA ALA B 18 20.36 -13.09 -2.23
C ALA B 18 19.22 -12.76 -1.28
N GLY B 19 18.25 -13.67 -1.20
CA GLY B 19 17.18 -13.55 -0.23
C GLY B 19 17.69 -13.91 1.17
N TRP B 20 16.88 -13.60 2.20
CA TRP B 20 17.23 -13.95 3.57
C TRP B 20 17.46 -15.45 3.70
N GLY B 21 18.56 -15.83 4.32
CA GLY B 21 18.84 -17.22 4.65
C GLY B 21 19.06 -18.19 3.50
N THR B 22 19.13 -17.68 2.27
CA THR B 22 19.17 -18.54 1.10
C THR B 22 20.62 -18.91 0.76
N PRO B 23 20.80 -20.09 0.15
CA PRO B 23 22.16 -20.49 -0.23
C PRO B 23 22.64 -19.75 -1.47
N PRO B 24 23.90 -19.28 -1.45
CA PRO B 24 24.52 -18.73 -2.65
C PRO B 24 24.43 -19.68 -3.85
N ASP B 25 24.46 -20.99 -3.59
CA ASP B 25 24.42 -21.97 -4.67
C ASP B 25 23.12 -21.95 -5.47
N ALA B 26 22.14 -21.19 -4.97
CA ALA B 26 20.85 -21.09 -5.64
C ALA B 26 20.97 -20.50 -7.04
N VAL B 27 22.09 -19.82 -7.31
CA VAL B 27 22.27 -19.18 -8.61
C VAL B 27 23.50 -19.72 -9.31
N ASN B 28 24.04 -20.83 -8.80
CA ASN B 28 25.28 -21.37 -9.35
C ASN B 28 25.16 -21.87 -10.78
N HIS B 29 23.97 -22.32 -11.17
CA HIS B 29 23.77 -22.88 -12.51
C HIS B 29 23.73 -21.80 -13.59
N LEU B 30 23.50 -20.56 -13.20
CA LEU B 30 23.35 -19.47 -14.16
C LEU B 30 24.64 -19.19 -14.93
N ILE B 31 24.53 -19.11 -16.25
CA ILE B 31 25.66 -18.83 -17.10
C ILE B 31 25.93 -17.33 -17.19
N LEU B 32 27.18 -16.94 -16.99
CA LEU B 32 27.58 -15.54 -17.05
C LEU B 32 27.93 -15.14 -18.47
N PRO B 33 27.75 -13.85 -18.81
CA PRO B 33 28.28 -13.37 -20.09
C PRO B 33 29.79 -13.29 -19.99
N GLU B 34 30.48 -13.26 -21.12
CA GLU B 34 31.92 -13.07 -21.12
C GLU B 34 32.22 -11.70 -20.51
N ASN B 35 33.41 -11.58 -19.94
CA ASN B 35 33.91 -10.31 -19.41
C ASN B 35 33.13 -9.82 -18.18
N HIS B 36 32.53 -10.76 -17.44
CA HIS B 36 31.84 -10.42 -16.19
C HIS B 36 32.36 -11.22 -14.99
N ASP B 37 32.61 -10.55 -13.87
CA ASP B 37 32.74 -11.24 -12.60
C ASP B 37 31.36 -11.40 -11.97
N LEU B 38 31.27 -12.22 -10.92
CA LEU B 38 30.04 -12.35 -10.16
C LEU B 38 30.32 -12.16 -8.66
N LEU B 39 29.59 -11.26 -8.03
CA LEU B 39 29.68 -11.11 -6.59
C LEU B 39 28.34 -11.43 -5.96
N ILE B 40 28.31 -12.52 -5.19
CA ILE B 40 27.12 -12.91 -4.43
C ILE B 40 27.14 -12.24 -3.07
N CYS B 41 26.10 -11.48 -2.77
CA CYS B 41 25.98 -10.79 -1.49
C CYS B 41 24.90 -11.45 -0.68
N TYR B 42 25.18 -11.70 0.59
CA TYR B 42 24.23 -12.45 1.40
C TYR B 42 24.56 -12.31 2.86
N ASP B 43 23.75 -12.93 3.71
CA ASP B 43 23.95 -12.89 5.15
C ASP B 43 23.95 -11.45 5.67
N TYR B 44 22.78 -10.82 5.63
CA TYR B 44 22.64 -9.42 5.99
C TYR B 44 22.50 -9.14 7.50
N GLN B 45 23.47 -9.55 8.31
CA GLN B 45 23.51 -9.13 9.72
C GLN B 45 23.77 -7.64 9.85
N ASP B 46 24.34 -7.06 8.80
CA ASP B 46 24.59 -5.63 8.72
C ASP B 46 24.50 -5.19 7.26
N LEU B 47 24.72 -3.91 7.01
CA LEU B 47 24.64 -3.41 5.64
C LEU B 47 26.02 -3.04 5.10
N ASN B 48 27.06 -3.58 5.73
CA ASN B 48 28.44 -3.32 5.32
C ASN B 48 28.89 -4.24 4.18
N LEU B 49 29.25 -3.65 3.05
CA LEU B 49 29.77 -4.39 1.91
C LEU B 49 31.26 -4.15 1.75
N ASP B 50 32.08 -5.09 2.24
CA ASP B 50 33.54 -4.94 2.15
C ASP B 50 34.06 -5.41 0.79
N PHE B 51 33.83 -4.58 -0.23
CA PHE B 51 34.20 -4.89 -1.60
C PHE B 51 34.30 -3.57 -2.34
N ASP B 52 35.35 -3.43 -3.16
CA ASP B 52 35.56 -2.19 -3.91
C ASP B 52 34.90 -2.31 -5.29
N LEU B 53 33.81 -1.59 -5.49
CA LEU B 53 33.05 -1.66 -6.72
C LEU B 53 33.63 -0.75 -7.79
N SER B 54 34.47 0.18 -7.39
CA SER B 54 34.95 1.23 -8.28
C SER B 54 35.72 0.68 -9.48
N ALA B 55 36.18 -0.56 -9.36
CA ALA B 55 37.03 -1.20 -10.36
C ALA B 55 36.29 -1.48 -11.67
N TYR B 56 34.98 -1.61 -11.60
CA TYR B 56 34.19 -2.03 -12.75
C TYR B 56 33.57 -0.85 -13.49
N ARG B 57 33.38 -1.00 -14.79
CA ARG B 57 32.71 0.02 -15.56
C ARG B 57 31.20 -0.16 -15.44
N HIS B 58 30.72 -1.33 -15.84
CA HIS B 58 29.30 -1.62 -15.76
C HIS B 58 29.00 -2.61 -14.64
N ILE B 59 28.01 -2.29 -13.83
CA ILE B 59 27.53 -3.19 -12.81
C ILE B 59 26.08 -3.56 -13.09
N ARG B 60 25.80 -4.85 -13.17
CA ARG B 60 24.43 -5.35 -13.32
C ARG B 60 23.94 -5.85 -11.97
N LEU B 61 22.89 -5.23 -11.44
CA LEU B 61 22.35 -5.66 -10.15
C LEU B 61 21.19 -6.60 -10.35
N VAL B 62 21.23 -7.75 -9.69
CA VAL B 62 20.05 -8.62 -9.58
C VAL B 62 19.80 -8.84 -8.10
N ALA B 63 18.59 -8.54 -7.64
CA ALA B 63 18.27 -8.66 -6.22
C ALA B 63 17.03 -9.51 -6.04
N TRP B 64 17.12 -10.51 -5.17
CA TRP B 64 16.00 -11.40 -4.92
C TRP B 64 15.41 -11.11 -3.56
N SER B 65 14.08 -11.01 -3.49
CA SER B 65 13.36 -11.05 -2.22
C SER B 65 13.77 -9.88 -1.34
N MSE B 66 14.13 -10.17 -0.10
CA MSE B 66 14.58 -9.12 0.80
CA MSE B 66 14.66 -9.19 0.86
C MSE B 66 15.87 -8.43 0.34
O MSE B 66 16.19 -7.36 0.83
CB MSE B 66 14.77 -9.66 2.22
CB MSE B 66 15.02 -9.92 2.14
CG MSE B 66 13.51 -10.24 2.82
CG MSE B 66 13.89 -10.74 2.66
SE MSE B 66 13.66 -10.50 4.74
SE MSE B 66 12.69 -9.54 3.55
CE MSE B 66 12.31 -11.88 4.95
CE MSE B 66 13.73 -9.44 5.19
N GLY B 67 16.58 -9.04 -0.61
CA GLY B 67 17.77 -8.45 -1.19
C GLY B 67 17.47 -7.15 -1.90
N VAL B 68 16.23 -6.97 -2.32
CA VAL B 68 15.83 -5.74 -2.98
C VAL B 68 15.97 -4.55 -2.03
N TRP B 69 15.39 -4.69 -0.83
CA TRP B 69 15.46 -3.65 0.19
C TRP B 69 16.93 -3.38 0.58
N VAL B 70 17.70 -4.45 0.74
CA VAL B 70 19.10 -4.29 1.12
C VAL B 70 19.87 -3.55 0.04
N ALA B 71 19.67 -3.94 -1.22
CA ALA B 71 20.41 -3.33 -2.32
C ALA B 71 20.13 -1.85 -2.44
N GLU B 72 18.88 -1.44 -2.18
CA GLU B 72 18.52 -0.03 -2.29
C GLU B 72 19.43 0.83 -1.40
N ARG B 73 19.80 0.29 -0.25
CA ARG B 73 20.68 1.03 0.67
C ARG B 73 22.16 0.88 0.38
N VAL B 74 22.59 -0.33 0.06
CA VAL B 74 24.01 -0.55 -0.25
C VAL B 74 24.45 0.21 -1.50
N LEU B 75 23.56 0.28 -2.49
CA LEU B 75 23.93 0.85 -3.78
C LEU B 75 23.32 2.23 -4.05
N GLN B 76 22.81 2.86 -3.00
CA GLN B 76 22.37 4.25 -3.12
C GLN B 76 23.54 5.11 -3.58
N GLY B 77 23.30 5.90 -4.63
CA GLY B 77 24.32 6.78 -5.15
C GLY B 77 25.44 6.11 -5.94
N ILE B 78 25.29 4.82 -6.21
CA ILE B 78 26.25 4.09 -7.05
C ILE B 78 25.67 3.93 -8.46
N ARG B 79 26.47 4.25 -9.47
CA ARG B 79 26.01 4.12 -10.86
C ARG B 79 25.87 2.66 -11.28
N LEU B 80 24.66 2.28 -11.65
CA LEU B 80 24.39 0.90 -12.08
C LEU B 80 24.02 0.88 -13.56
N LYS B 81 24.44 -0.15 -14.28
CA LYS B 81 24.07 -0.30 -15.69
C LYS B 81 22.61 -0.74 -15.79
N SER B 82 22.22 -1.66 -14.94
CA SER B 82 20.81 -2.02 -14.81
C SER B 82 20.56 -2.59 -13.42
N ALA B 83 19.32 -2.50 -12.97
CA ALA B 83 18.92 -3.07 -11.70
C ALA B 83 17.64 -3.88 -11.89
N THR B 84 17.71 -5.16 -11.54
CA THR B 84 16.59 -6.07 -11.73
C THR B 84 16.14 -6.65 -10.40
N ALA B 85 14.85 -6.48 -10.09
CA ALA B 85 14.26 -7.08 -8.90
C ALA B 85 13.65 -8.41 -9.25
N VAL B 86 13.80 -9.38 -8.36
CA VAL B 86 13.18 -10.68 -8.54
C VAL B 86 12.40 -11.02 -7.28
N ASN B 87 11.07 -11.01 -7.41
CA ASN B 87 10.19 -11.34 -6.30
C ASN B 87 10.57 -10.62 -5.01
N GLY B 88 10.67 -9.30 -5.08
CA GLY B 88 10.93 -8.50 -3.89
C GLY B 88 10.61 -7.05 -4.15
N THR B 89 10.35 -6.32 -3.07
CA THR B 89 9.90 -4.94 -3.18
C THR B 89 10.68 -4.03 -2.23
N GLY B 90 10.53 -2.73 -2.41
CA GLY B 90 11.14 -1.76 -1.53
C GLY B 90 10.52 -1.61 -0.14
N LEU B 91 9.38 -2.25 0.09
CA LEU B 91 8.72 -2.27 1.39
C LEU B 91 8.47 -3.72 1.81
N PRO B 92 9.53 -4.42 2.25
CA PRO B 92 9.45 -5.86 2.48
C PRO B 92 8.58 -6.26 3.68
N CYS B 93 8.40 -5.37 4.65
CA CYS B 93 7.51 -5.66 5.77
C CYS B 93 6.34 -4.70 5.67
N ASP B 94 5.30 -5.14 4.98
CA ASP B 94 4.20 -4.27 4.60
C ASP B 94 3.01 -5.11 4.12
N ASP B 95 1.83 -4.84 4.69
CA ASP B 95 0.64 -5.62 4.36
C ASP B 95 0.19 -5.44 2.92
N SER B 96 0.53 -4.29 2.34
CA SER B 96 0.07 -3.92 1.00
C SER B 96 1.12 -4.20 -0.07
N PHE B 97 2.39 -4.06 0.29
CA PHE B 97 3.47 -4.01 -0.70
C PHE B 97 4.57 -5.02 -0.47
N GLY B 98 4.47 -5.83 0.58
CA GLY B 98 5.52 -6.79 0.88
C GLY B 98 4.99 -8.00 1.62
N ILE B 99 5.78 -8.47 2.59
CA ILE B 99 5.35 -9.52 3.50
C ILE B 99 4.59 -8.87 4.65
N PRO B 100 3.35 -9.34 4.91
CA PRO B 100 2.59 -8.74 6.01
C PRO B 100 3.37 -8.78 7.32
N TYR B 101 3.26 -7.72 8.11
CA TYR B 101 3.94 -7.63 9.39
C TYR B 101 3.68 -8.84 10.28
N ALA B 102 2.42 -9.27 10.37
CA ALA B 102 2.08 -10.38 11.24
C ALA B 102 2.80 -11.66 10.82
N ILE B 103 2.90 -11.90 9.51
CA ILE B 103 3.58 -13.09 9.01
C ILE B 103 5.08 -12.98 9.26
N PHE B 104 5.62 -11.78 9.06
CA PHE B 104 7.04 -11.54 9.27
C PHE B 104 7.38 -11.76 10.75
N LYS B 105 6.63 -11.11 11.62
CA LYS B 105 6.83 -11.23 13.06
C LYS B 105 6.68 -12.67 13.56
N GLY B 106 5.63 -13.34 13.09
CA GLY B 106 5.37 -14.72 13.49
C GLY B 106 6.47 -15.66 13.04
N THR B 107 6.98 -15.41 11.84
CA THR B 107 8.05 -16.25 11.32
C THR B 107 9.26 -16.15 12.22
N LEU B 108 9.65 -14.92 12.54
CA LEU B 108 10.80 -14.70 13.42
C LEU B 108 10.59 -15.28 14.80
N GLU B 109 9.42 -15.06 15.39
CA GLU B 109 9.21 -15.47 16.77
C GLU B 109 9.10 -16.98 16.93
N ASN B 110 8.78 -17.68 15.84
CA ASN B 110 8.59 -19.13 15.90
C ASN B 110 9.64 -19.89 15.10
N LEU B 111 10.71 -19.18 14.72
CA LEU B 111 11.73 -19.74 13.86
C LEU B 111 12.53 -20.83 14.54
N THR B 112 12.48 -22.02 13.97
CA THR B 112 13.23 -23.17 14.38
C THR B 112 13.68 -23.86 13.10
N GLU B 113 14.46 -24.90 13.26
CA GLU B 113 14.88 -25.68 12.13
C GLU B 113 13.65 -26.18 11.37
N ASN B 114 12.68 -26.73 12.10
CA ASN B 114 11.50 -27.23 11.45
C ASN B 114 10.76 -26.15 10.66
N THR B 115 10.54 -25.00 11.23
CA THR B 115 9.79 -23.94 10.56
C THR B 115 10.63 -23.32 9.44
N ARG B 116 11.95 -23.44 9.56
CA ARG B 116 12.86 -22.99 8.51
C ARG B 116 12.62 -23.81 7.23
N LEU B 117 12.44 -25.10 7.40
CA LEU B 117 12.16 -25.98 6.26
C LEU B 117 10.76 -25.69 5.72
N LYS B 118 9.83 -25.36 6.60
CA LYS B 118 8.48 -24.98 6.20
C LYS B 118 8.51 -23.72 5.35
N PHE B 119 9.32 -22.74 5.74
CA PHE B 119 9.49 -21.52 4.97
C PHE B 119 10.11 -21.83 3.60
N GLU B 120 11.08 -22.73 3.58
CA GLU B 120 11.70 -23.13 2.33
C GLU B 120 10.67 -23.82 1.46
N ARG B 121 9.75 -24.56 2.07
CA ARG B 121 8.64 -25.15 1.34
C ARG B 121 7.84 -24.07 0.64
N ARG B 122 7.56 -22.98 1.37
CA ARG B 122 6.80 -21.86 0.83
C ARG B 122 7.58 -21.18 -0.29
N ILE B 123 8.89 -21.14 -0.16
CA ILE B 123 9.75 -20.52 -1.15
C ILE B 123 9.68 -21.30 -2.46
N CYS B 124 9.53 -22.62 -2.36
CA CYS B 124 9.61 -23.48 -3.54
C CYS B 124 8.25 -23.90 -4.08
N GLY B 125 7.23 -23.88 -3.25
CA GLY B 125 5.91 -24.30 -3.67
C GLY B 125 5.68 -25.79 -3.47
N ASP B 126 5.85 -26.55 -4.55
CA ASP B 126 5.56 -27.98 -4.53
C ASP B 126 6.66 -28.78 -3.83
N LYS B 127 6.32 -29.98 -3.37
CA LYS B 127 7.25 -30.79 -2.59
C LYS B 127 8.46 -31.20 -3.42
N ALA B 128 8.24 -31.44 -4.71
CA ALA B 128 9.33 -31.85 -5.59
C ALA B 128 10.36 -30.73 -5.75
N SER B 129 9.89 -29.51 -5.96
CA SER B 129 10.78 -28.36 -6.13
C SER B 129 11.57 -28.11 -4.85
N PHE B 130 10.90 -28.37 -3.72
CA PHE B 130 11.53 -28.25 -2.41
C PHE B 130 12.66 -29.26 -2.24
N GLU B 131 12.39 -30.50 -2.65
CA GLU B 131 13.40 -31.55 -2.52
C GLU B 131 14.60 -31.27 -3.42
N ARG B 132 14.36 -30.66 -4.57
CA ARG B 132 15.47 -30.28 -5.45
C ARG B 132 16.23 -29.09 -4.86
N TYR B 133 15.51 -28.14 -4.27
CA TYR B 133 16.13 -27.01 -3.58
C TYR B 133 16.95 -27.47 -2.39
N GLN B 134 16.57 -28.59 -1.80
CA GLN B 134 17.29 -29.14 -0.66
C GLN B 134 18.68 -29.65 -1.07
N LEU B 135 18.92 -29.79 -2.36
CA LEU B 135 20.23 -30.24 -2.85
C LEU B 135 21.28 -29.15 -2.68
N PHE B 136 20.84 -27.90 -2.55
CA PHE B 136 21.77 -26.81 -2.20
C PHE B 136 22.24 -26.99 -0.77
N PRO B 137 23.50 -26.62 -0.51
CA PRO B 137 24.03 -26.63 0.86
C PRO B 137 23.25 -25.66 1.71
N ALA B 138 22.81 -26.10 2.88
CA ALA B 138 22.04 -25.24 3.77
C ALA B 138 22.96 -24.40 4.64
N ARG B 139 22.65 -23.12 4.79
CA ARG B 139 23.40 -22.26 5.68
C ARG B 139 23.06 -22.57 7.13
N PRO B 140 24.02 -22.34 8.05
CA PRO B 140 23.82 -22.66 9.47
C PRO B 140 22.57 -21.97 10.05
N PHE B 141 21.79 -22.69 10.85
CA PHE B 141 20.56 -22.13 11.38
C PHE B 141 20.78 -20.89 12.22
N ASP B 142 21.78 -20.93 13.10
CA ASP B 142 22.08 -19.80 13.97
C ASP B 142 22.32 -18.55 13.14
N GLU B 143 23.05 -18.70 12.04
CA GLU B 143 23.34 -17.60 11.14
C GLU B 143 22.08 -16.99 10.53
N ILE B 144 21.22 -17.83 9.99
CA ILE B 144 20.04 -17.31 9.30
C ILE B 144 19.02 -16.79 10.32
N HIS B 145 19.03 -17.32 11.53
CA HIS B 145 18.16 -16.79 12.59
C HIS B 145 18.59 -15.40 13.01
N GLN B 146 19.90 -15.21 13.15
CA GLN B 146 20.46 -13.90 13.49
C GLN B 146 20.23 -12.91 12.35
N GLU B 147 20.32 -13.41 11.11
CA GLU B 147 20.09 -12.57 9.94
C GLU B 147 18.64 -12.05 9.91
N LEU B 148 17.69 -12.91 10.21
CA LEU B 148 16.29 -12.48 10.20
C LEU B 148 16.05 -11.42 11.28
N THR B 149 16.66 -11.63 12.44
CA THR B 149 16.53 -10.67 13.53
C THR B 149 17.03 -9.30 13.09
N ALA B 150 18.21 -9.26 12.48
CA ALA B 150 18.79 -8.00 12.02
C ALA B 150 17.98 -7.38 10.89
N LEU B 151 17.51 -8.21 9.96
CA LEU B 151 16.72 -7.69 8.84
C LEU B 151 15.40 -7.09 9.34
N PHE B 152 14.72 -7.82 10.21
CA PHE B 152 13.42 -7.37 10.73
C PHE B 152 13.55 -6.03 11.45
N ALA B 153 14.57 -5.89 12.28
CA ALA B 153 14.76 -4.67 13.04
C ALA B 153 15.02 -3.46 12.15
N MSE B 154 15.96 -3.62 11.22
CA MSE B 154 16.38 -2.56 10.28
CA MSE B 154 16.33 -2.49 10.37
C MSE B 154 15.25 -2.15 9.34
O MSE B 154 15.11 -0.98 8.97
CB MSE B 154 17.56 -3.05 9.42
CB MSE B 154 17.67 -2.79 9.70
CG MSE B 154 18.92 -3.03 10.08
CG MSE B 154 18.73 -3.19 10.73
SE MSE B 154 20.38 -3.57 8.88
SE MSE B 154 20.53 -3.43 10.04
CE MSE B 154 21.86 -3.28 10.10
CE MSE B 154 20.87 -1.63 9.40
N ILE B 155 14.47 -3.13 8.91
CA ILE B 155 13.40 -2.87 7.97
C ILE B 155 12.29 -2.07 8.66
N GLN B 156 12.06 -2.37 9.93
CA GLN B 156 11.05 -1.63 10.68
C GLN B 156 11.48 -0.19 10.89
N GLN B 157 12.77 0.01 11.12
CA GLN B 157 13.29 1.32 11.42
C GLN B 157 13.41 2.20 10.19
N ASP B 158 13.53 1.59 9.03
CA ASP B 158 13.86 2.32 7.80
C ASP B 158 12.89 1.97 6.67
N LYS B 159 11.85 2.79 6.50
CA LYS B 159 10.85 2.57 5.48
C LYS B 159 11.03 3.45 4.25
N ARG B 160 12.23 3.98 4.04
CA ARG B 160 12.46 4.80 2.85
C ARG B 160 12.31 3.96 1.59
N ILE B 161 11.90 4.59 0.51
CA ILE B 161 11.78 3.89 -0.76
C ILE B 161 12.39 4.70 -1.88
N ASP B 162 12.55 4.06 -3.03
CA ASP B 162 13.12 4.69 -4.23
C ASP B 162 14.52 5.25 -3.99
N LEU B 163 15.33 4.54 -3.21
CA LEU B 163 16.71 4.98 -2.99
C LEU B 163 17.55 4.72 -4.22
N ILE B 164 17.12 3.73 -5.02
CA ILE B 164 17.70 3.53 -6.35
C ILE B 164 16.58 3.33 -7.37
N HIS B 165 16.95 3.40 -8.64
CA HIS B 165 16.02 3.24 -9.74
C HIS B 165 16.10 1.82 -10.28
N TRP B 166 14.96 1.13 -10.36
CA TRP B 166 14.94 -0.23 -10.87
C TRP B 166 14.51 -0.26 -12.33
N ALA B 167 15.14 -1.13 -13.12
CA ALA B 167 14.90 -1.21 -14.54
C ALA B 167 13.78 -2.18 -14.89
N ASN B 168 13.73 -3.30 -14.16
CA ASN B 168 12.69 -4.30 -14.40
C ASN B 168 12.53 -5.17 -13.17
N ALA B 169 11.35 -5.76 -13.04
CA ALA B 169 11.03 -6.60 -11.89
C ALA B 169 10.35 -7.86 -12.37
N TRP B 170 10.81 -9.01 -11.88
CA TRP B 170 10.16 -10.27 -12.15
C TRP B 170 9.17 -10.60 -11.04
N VAL B 171 7.98 -11.05 -11.40
CA VAL B 171 6.99 -11.43 -10.40
C VAL B 171 6.45 -12.82 -10.69
N SER B 172 6.71 -13.74 -9.77
CA SER B 172 6.24 -15.12 -9.90
C SER B 172 4.76 -15.23 -9.64
N SER B 173 4.05 -15.94 -10.53
CA SER B 173 2.61 -16.06 -10.45
C SER B 173 2.10 -16.70 -9.16
N ARG B 174 2.93 -17.50 -8.51
CA ARG B 174 2.46 -18.23 -7.33
C ARG B 174 3.31 -17.96 -6.10
N ASP B 175 3.98 -16.81 -6.08
CA ASP B 175 4.83 -16.44 -4.96
C ASP B 175 4.04 -16.44 -3.66
N LYS B 176 4.48 -17.25 -2.70
CA LYS B 176 3.81 -17.42 -1.42
C LYS B 176 4.46 -16.57 -0.31
N ILE B 177 5.52 -15.86 -0.65
CA ILE B 177 6.20 -14.99 0.31
C ILE B 177 5.87 -13.53 0.08
N PHE B 178 6.28 -13.01 -1.07
CA PHE B 178 5.77 -11.72 -1.56
C PHE B 178 4.63 -12.02 -2.53
N THR B 179 3.36 -11.88 -2.12
CA THR B 179 2.29 -12.28 -3.05
C THR B 179 2.32 -11.46 -4.34
N PRO B 180 1.91 -12.07 -5.47
CA PRO B 180 1.93 -11.34 -6.74
C PRO B 180 1.15 -10.03 -6.67
N ALA B 181 0.00 -10.02 -5.99
CA ALA B 181 -0.77 -8.79 -5.89
C ALA B 181 0.02 -7.68 -5.21
N ASN B 182 0.69 -8.02 -4.12
CA ASN B 182 1.49 -7.03 -3.41
C ASN B 182 2.68 -6.55 -4.24
N GLN B 183 3.34 -7.47 -4.94
CA GLN B 183 4.43 -7.08 -5.83
C GLN B 183 3.96 -6.19 -6.97
N HIS B 184 2.86 -6.55 -7.61
CA HIS B 184 2.34 -5.73 -8.69
C HIS B 184 1.98 -4.34 -8.20
N GLN B 185 1.41 -4.25 -7.00
CA GLN B 185 1.08 -2.94 -6.47
C GLN B 185 2.31 -2.08 -6.20
N TYR B 186 3.36 -2.67 -5.64
CA TYR B 186 4.58 -1.90 -5.38
C TYR B 186 5.21 -1.41 -6.68
N TRP B 187 5.35 -2.31 -7.67
CA TRP B 187 6.10 -1.93 -8.86
C TRP B 187 5.28 -1.12 -9.86
N ALA B 188 3.97 -1.08 -9.68
CA ALA B 188 3.14 -0.25 -10.55
C ALA B 188 3.58 1.21 -10.42
N LEU B 189 3.72 1.85 -11.59
CA LEU B 189 4.15 3.25 -11.72
C LEU B 189 5.62 3.45 -11.38
N ARG B 190 6.25 2.34 -10.98
CA ARG B 190 7.64 2.32 -10.58
C ARG B 190 8.39 1.77 -11.75
N CYS B 191 8.38 0.45 -11.93
CA CYS B 191 9.08 -0.06 -13.11
C CYS B 191 8.26 -1.12 -13.82
N ALA B 192 8.74 -1.48 -15.00
CA ALA B 192 8.19 -2.57 -15.79
C ALA B 192 8.25 -3.90 -15.06
N VAL B 193 7.14 -4.63 -15.09
CA VAL B 193 7.05 -5.93 -14.47
C VAL B 193 6.99 -7.04 -15.52
N GLN B 194 7.81 -8.06 -15.34
CA GLN B 194 7.74 -9.23 -16.20
C GLN B 194 7.11 -10.39 -15.43
N GLU B 195 5.98 -10.85 -15.91
CA GLU B 195 5.29 -11.98 -15.30
C GLU B 195 6.05 -13.26 -15.62
N ILE B 196 6.13 -14.15 -14.64
CA ILE B 196 6.66 -15.48 -14.90
C ILE B 196 5.92 -16.51 -14.05
N GLU B 197 5.58 -17.62 -14.68
CA GLU B 197 4.93 -18.71 -13.97
C GLU B 197 5.94 -19.36 -13.05
N GLY B 198 5.63 -19.37 -11.76
CA GLY B 198 6.52 -20.01 -10.82
C GLY B 198 6.30 -19.59 -9.38
N GLU B 199 7.32 -19.87 -8.57
CA GLU B 199 7.27 -19.67 -7.13
C GLU B 199 8.29 -18.60 -6.69
N HIS B 200 8.40 -18.38 -5.38
CA HIS B 200 9.29 -17.33 -4.86
C HIS B 200 10.71 -17.54 -5.36
N TYR B 201 11.17 -18.79 -5.30
CA TYR B 201 12.43 -19.16 -5.95
C TYR B 201 12.13 -19.54 -7.39
N VAL B 202 12.65 -18.75 -8.32
CA VAL B 202 12.32 -18.91 -9.73
C VAL B 202 13.59 -18.94 -10.60
N PHE B 203 14.75 -18.92 -9.96
CA PHE B 203 16.02 -18.92 -10.71
C PHE B 203 16.21 -20.25 -11.44
N SER B 204 15.48 -21.27 -10.99
CA SER B 204 15.43 -22.57 -11.65
C SER B 204 14.85 -22.54 -13.06
N ARG B 205 14.23 -21.43 -13.44
CA ARG B 205 13.63 -21.32 -14.76
C ARG B 205 14.54 -20.54 -15.70
N PHE B 206 15.72 -20.17 -15.21
CA PHE B 206 16.67 -19.39 -16.00
C PHE B 206 17.96 -20.15 -16.19
N THR B 207 18.58 -19.97 -17.37
CA THR B 207 19.85 -20.59 -17.67
C THR B 207 20.97 -19.57 -17.77
N HIS B 208 20.62 -18.32 -18.04
CA HIS B 208 21.61 -17.26 -18.22
C HIS B 208 21.30 -16.03 -17.37
N TRP B 209 22.34 -15.47 -16.78
CA TRP B 209 22.20 -14.23 -16.02
C TRP B 209 21.59 -13.12 -16.87
N SER B 210 22.01 -13.05 -18.13
CA SER B 210 21.58 -11.96 -19.00
C SER B 210 20.09 -11.99 -19.31
N ALA B 211 19.47 -13.16 -19.19
CA ALA B 211 18.03 -13.29 -19.41
C ALA B 211 17.23 -12.50 -18.38
N LEU B 212 17.82 -12.31 -17.20
CA LEU B 212 17.14 -11.59 -16.13
C LEU B 212 17.02 -10.09 -16.39
N TRP B 213 18.01 -9.50 -17.06
CA TRP B 213 17.94 -8.06 -17.32
C TRP B 213 17.59 -7.72 -18.76
N ASP B 214 17.62 -8.67 -19.67
CA ASP B 214 17.26 -8.36 -21.05
C ASP B 214 15.76 -8.25 -21.16
C1 GOL C . -22.64 17.15 17.43
O1 GOL C . -21.37 17.65 17.76
C2 GOL C . -23.39 18.16 16.60
O2 GOL C . -23.26 19.46 17.14
C3 GOL C . -24.85 17.78 16.53
O3 GOL C . -25.43 18.49 15.48
C1 IPA D . -10.35 12.76 3.33
C2 IPA D . -9.72 11.44 2.91
C3 IPA D . -8.87 11.71 1.68
O2 IPA D . -10.76 10.58 2.49
#